data_6QON
#
_entry.id   6QON
#
_cell.length_a   74.020
_cell.length_b   78.919
_cell.length_c   86.836
_cell.angle_alpha   90.000
_cell.angle_beta   90.000
_cell.angle_gamma   90.000
#
_symmetry.space_group_name_H-M   'P 21 21 21'
#
loop_
_entity.id
_entity.type
_entity.pdbx_description
1 polymer 'tRNA (guanine-N(1)-)-methyltransferase'
2 non-polymer 1,3-benzoxazine-2,4-dione
3 non-polymer 'SULFATE ION'
4 water water
#
_entity_poly.entity_id   1
_entity_poly.type   'polypeptide(L)'
_entity_poly.pdbx_seq_one_letter_code
;GSMKIDVVTIFPEYLQPVRQSLPGKAIDAGLVDVAVHDLRRWTHDVHKSVDDSPYGGGPGMVMKPTVWGDALDEICTSET
LLVVPTPAGYPFTQETAWQWSTEDHLVIACGRYEGIDQRVADDAATRMRVREVSIGDYVLNGGEAAALVIIEAVLRLVPG
VLGNALSAQEDSHSEGMASLLEGPSYTRPPSWRGMDVPPVLLSGDHAKIAAWRAEQSRQRTIERRPDLLGFDSPTGEHGG
DGLS
;
_entity_poly.pdbx_strand_id   A,B
#
loop_
_chem_comp.id
_chem_comp.type
_chem_comp.name
_chem_comp.formula
J9W non-polymer 1,3-benzoxazine-2,4-dione 'C8 H5 N O3'
SO4 non-polymer 'SULFATE ION' 'O4 S -2'
#
# COMPACT_ATOMS: atom_id res chain seq x y z
N SER A 2 20.01 4.44 -12.19
CA SER A 2 19.37 3.94 -13.42
C SER A 2 18.62 2.62 -13.16
N MET A 3 17.29 2.70 -13.12
CA MET A 3 16.47 1.52 -12.84
C MET A 3 15.32 1.34 -13.83
N LYS A 4 15.10 0.09 -14.26
CA LYS A 4 13.96 -0.25 -15.08
C LYS A 4 12.95 -1.06 -14.27
N ILE A 5 11.68 -0.66 -14.30
CA ILE A 5 10.64 -1.43 -13.62
C ILE A 5 9.62 -1.87 -14.65
N ASP A 6 9.39 -3.18 -14.73
CA ASP A 6 8.31 -3.71 -15.57
C ASP A 6 7.22 -4.23 -14.64
N VAL A 7 5.98 -3.82 -14.88
CA VAL A 7 4.84 -4.35 -14.12
C VAL A 7 3.94 -5.17 -15.04
N VAL A 8 3.57 -6.37 -14.60
CA VAL A 8 2.68 -7.24 -15.39
C VAL A 8 1.39 -7.45 -14.62
N THR A 9 0.26 -7.18 -15.27
CA THR A 9 -1.03 -7.10 -14.59
C THR A 9 -2.17 -7.27 -15.57
N ILE A 10 -3.32 -7.73 -15.11
CA ILE A 10 -4.49 -7.73 -16.00
C ILE A 10 -5.23 -6.39 -15.94
N PHE A 11 -4.77 -5.48 -15.08
CA PHE A 11 -5.35 -4.14 -14.99
C PHE A 11 -4.31 -3.06 -15.27
N PRO A 12 -3.82 -2.96 -16.51
CA PRO A 12 -2.68 -2.05 -16.76
C PRO A 12 -3.00 -0.59 -16.45
N GLU A 13 -4.27 -0.22 -16.58
CA GLU A 13 -4.71 1.14 -16.31
C GLU A 13 -4.46 1.57 -14.85
N TYR A 14 -4.39 0.60 -13.95
CA TYR A 14 -4.19 0.86 -12.53
C TYR A 14 -2.87 1.57 -12.29
N LEU A 15 -1.89 1.32 -13.15
CA LEU A 15 -0.53 1.76 -12.94
C LEU A 15 -0.19 3.06 -13.68
N GLN A 16 -1.07 3.52 -14.54
CA GLN A 16 -0.75 4.66 -15.41
C GLN A 16 -0.51 5.98 -14.65
N PRO A 17 -1.25 6.24 -13.57
CA PRO A 17 -0.93 7.47 -12.84
C PRO A 17 0.48 7.51 -12.21
N VAL A 18 1.03 6.37 -11.79
CA VAL A 18 2.40 6.36 -11.28
C VAL A 18 3.42 6.64 -12.40
N ARG A 19 3.09 6.29 -13.64
CA ARG A 19 3.97 6.60 -14.76
C ARG A 19 3.98 8.11 -14.97
N GLN A 20 2.79 8.71 -14.89
CA GLN A 20 2.64 10.17 -15.03
C GLN A 20 3.08 10.90 -13.75
N SER A 21 3.53 10.13 -12.78
CA SER A 21 4.08 10.67 -11.54
C SER A 21 5.57 10.99 -11.67
N LEU A 22 6.21 10.38 -12.66
CA LEU A 22 7.66 10.51 -12.83
C LEU A 22 8.04 11.84 -13.44
N PRO A 23 8.93 12.58 -12.76
CA PRO A 23 9.53 13.81 -13.28
C PRO A 23 10.20 13.62 -14.64
N GLY A 24 9.93 14.54 -15.57
CA GLY A 24 10.51 14.48 -16.89
C GLY A 24 12.02 14.44 -16.84
N LYS A 25 12.60 15.22 -15.93
CA LYS A 25 14.05 15.29 -15.76
C LYS A 25 14.68 13.92 -15.48
N ALA A 26 14.02 13.11 -14.67
CA ALA A 26 14.58 11.81 -14.29
C ALA A 26 14.52 10.81 -15.44
N ILE A 27 13.49 10.95 -16.28
CA ILE A 27 13.35 10.08 -17.43
C ILE A 27 14.33 10.47 -18.54
N ASP A 28 14.42 11.78 -18.81
CA ASP A 28 15.35 12.30 -19.80
C ASP A 28 16.80 12.02 -19.41
N ALA A 29 17.06 11.99 -18.10
CA ALA A 29 18.40 11.66 -17.60
C ALA A 29 18.61 10.14 -17.59
N GLY A 30 17.59 9.39 -18.01
CA GLY A 30 17.65 7.95 -18.06
C GLY A 30 17.84 7.28 -16.71
N LEU A 31 17.38 7.92 -15.64
CA LEU A 31 17.53 7.38 -14.31
C LEU A 31 16.47 6.32 -14.02
N VAL A 32 15.33 6.43 -14.68
CA VAL A 32 14.23 5.52 -14.41
C VAL A 32 13.34 5.32 -15.65
N ASP A 33 12.79 4.12 -15.76
CA ASP A 33 11.78 3.79 -16.76
C ASP A 33 10.83 2.79 -16.13
N VAL A 34 9.53 3.09 -16.16
CA VAL A 34 8.51 2.21 -15.63
C VAL A 34 7.57 1.83 -16.79
N ALA A 35 7.47 0.53 -17.07
CA ALA A 35 6.63 0.05 -18.17
C ALA A 35 5.60 -0.91 -17.63
N VAL A 36 4.38 -0.82 -18.16
CA VAL A 36 3.29 -1.66 -17.70
C VAL A 36 2.84 -2.56 -18.86
N HIS A 37 2.60 -3.83 -18.55
CA HIS A 37 2.27 -4.84 -19.55
C HIS A 37 0.98 -5.56 -19.19
N ASP A 38 0.06 -5.62 -20.14
CA ASP A 38 -1.17 -6.40 -19.98
C ASP A 38 -0.86 -7.90 -20.06
N LEU A 39 -1.12 -8.62 -18.97
CA LEU A 39 -0.90 -10.09 -18.92
C LEU A 39 -1.59 -10.83 -20.07
N ARG A 40 -2.72 -10.30 -20.55
CA ARG A 40 -3.49 -11.03 -21.56
C ARG A 40 -2.78 -11.10 -22.91
N ARG A 41 -1.74 -10.29 -23.08
CA ARG A 41 -0.94 -10.42 -24.29
C ARG A 41 -0.25 -11.81 -24.39
N TRP A 42 -0.10 -12.49 -23.26
CA TRP A 42 0.52 -13.82 -23.29
C TRP A 42 -0.48 -14.97 -23.12
N THR A 43 -1.76 -14.69 -23.27
CA THR A 43 -2.75 -15.77 -23.21
C THR A 43 -2.74 -16.59 -24.51
N HIS A 44 -3.26 -17.82 -24.44
CA HIS A 44 -3.16 -18.77 -25.57
C HIS A 44 -4.44 -18.95 -26.35
N ASP A 45 -5.56 -18.54 -25.76
CA ASP A 45 -6.86 -18.89 -26.30
C ASP A 45 -7.67 -17.66 -26.66
N VAL A 46 -8.68 -17.85 -27.48
CA VAL A 46 -9.47 -16.73 -27.94
C VAL A 46 -10.22 -16.08 -26.78
N HIS A 47 -10.44 -16.83 -25.70
CA HIS A 47 -11.11 -16.26 -24.51
C HIS A 47 -10.14 -15.50 -23.59
N LYS A 48 -8.86 -15.49 -23.96
CA LYS A 48 -7.82 -14.80 -23.19
C LYS A 48 -7.86 -15.16 -21.70
N SER A 49 -7.78 -16.46 -21.43
CA SER A 49 -7.95 -16.97 -20.07
C SER A 49 -6.69 -16.79 -19.27
N VAL A 50 -6.80 -16.21 -18.08
CA VAL A 50 -5.61 -16.06 -17.23
C VAL A 50 -5.67 -16.88 -15.95
N ASP A 51 -6.83 -17.43 -15.62
CA ASP A 51 -6.91 -18.25 -14.41
C ASP A 51 -7.77 -19.50 -14.62
N ASP A 52 -7.76 -20.38 -13.62
CA ASP A 52 -8.36 -21.71 -13.72
C ASP A 52 -8.62 -22.23 -12.30
N SER A 53 -9.46 -23.26 -12.19
CA SER A 53 -9.86 -23.77 -10.87
C SER A 53 -8.67 -24.41 -10.13
N PRO A 54 -8.62 -24.24 -8.80
CA PRO A 54 -7.50 -24.76 -8.00
C PRO A 54 -7.51 -26.27 -7.86
N TYR A 55 -6.37 -26.91 -8.07
CA TYR A 55 -6.24 -28.33 -7.77
C TYR A 55 -6.49 -28.55 -6.28
N GLY A 56 -7.22 -29.61 -5.95
CA GLY A 56 -7.49 -29.91 -4.55
C GLY A 56 -8.75 -29.22 -4.07
N GLY A 57 -9.36 -28.44 -4.95
CA GLY A 57 -10.65 -27.84 -4.68
C GLY A 57 -10.57 -26.54 -3.90
N GLY A 58 -11.74 -25.99 -3.61
CA GLY A 58 -11.81 -24.75 -2.85
C GLY A 58 -12.30 -23.62 -3.72
N PRO A 59 -12.51 -22.45 -3.10
CA PRO A 59 -13.07 -21.29 -3.79
C PRO A 59 -12.01 -20.49 -4.54
N GLY A 60 -12.47 -19.62 -5.43
CA GLY A 60 -11.58 -18.75 -6.15
C GLY A 60 -10.96 -19.41 -7.36
N MET A 61 -10.01 -18.72 -7.96
CA MET A 61 -9.32 -19.22 -9.12
C MET A 61 -7.83 -19.00 -8.90
N VAL A 62 -7.01 -19.75 -9.61
CA VAL A 62 -5.57 -19.65 -9.50
C VAL A 62 -5.05 -19.21 -10.86
N MET A 63 -4.06 -18.30 -10.90
CA MET A 63 -3.60 -17.84 -12.21
C MET A 63 -2.73 -18.89 -12.90
N LYS A 64 -2.90 -19.00 -14.21
CA LYS A 64 -2.30 -20.08 -15.01
C LYS A 64 -0.80 -19.99 -15.13
N PRO A 65 -0.10 -21.11 -14.90
CA PRO A 65 1.35 -21.13 -15.03
C PRO A 65 1.81 -20.94 -16.47
N THR A 66 1.08 -21.46 -17.45
CA THR A 66 1.56 -21.36 -18.83
C THR A 66 1.57 -19.90 -19.30
N VAL A 67 0.58 -19.14 -18.88
CA VAL A 67 0.50 -17.71 -19.24
C VAL A 67 1.60 -16.89 -18.57
N TRP A 68 1.71 -17.03 -17.25
CA TRP A 68 2.73 -16.29 -16.53
C TRP A 68 4.12 -16.70 -16.96
N GLY A 69 4.31 -17.99 -17.21
CA GLY A 69 5.60 -18.49 -17.64
C GLY A 69 6.09 -17.83 -18.92
N ASP A 70 5.17 -17.68 -19.88
CA ASP A 70 5.49 -17.01 -21.14
C ASP A 70 5.80 -15.53 -20.92
N ALA A 71 5.01 -14.86 -20.09
CA ALA A 71 5.21 -13.44 -19.87
C ALA A 71 6.57 -13.20 -19.22
N LEU A 72 6.88 -13.97 -18.17
CA LEU A 72 8.16 -13.76 -17.50
C LEU A 72 9.35 -14.15 -18.38
N ASP A 73 9.17 -15.17 -19.22
CA ASP A 73 10.21 -15.57 -20.15
C ASP A 73 10.62 -14.42 -21.05
N GLU A 74 9.64 -13.61 -21.45
CA GLU A 74 9.90 -12.52 -22.38
C GLU A 74 10.49 -11.29 -21.70
N ILE A 75 9.99 -11.01 -20.50
CA ILE A 75 10.30 -9.77 -19.76
CA ILE A 75 10.32 -9.76 -19.79
C ILE A 75 11.55 -9.87 -18.89
N CYS A 76 11.74 -11.00 -18.23
CA CYS A 76 12.85 -11.16 -17.30
C CYS A 76 14.17 -11.55 -17.95
N THR A 77 15.27 -11.20 -17.26
CA THR A 77 16.59 -11.69 -17.62
C THR A 77 17.25 -12.26 -16.38
N SER A 78 18.48 -12.75 -16.54
CA SER A 78 19.19 -13.29 -15.39
C SER A 78 19.48 -12.22 -14.33
N GLU A 79 19.47 -10.95 -14.74
CA GLU A 79 19.75 -9.85 -13.80
C GLU A 79 18.51 -9.38 -13.04
N THR A 80 17.35 -9.87 -13.43
CA THR A 80 16.07 -9.39 -12.89
C THR A 80 15.84 -9.78 -11.45
N LEU A 81 15.31 -8.85 -10.67
CA LEU A 81 14.72 -9.15 -9.37
C LEU A 81 13.21 -9.25 -9.56
N LEU A 82 12.66 -10.46 -9.43
CA LEU A 82 11.24 -10.67 -9.64
C LEU A 82 10.49 -10.49 -8.33
N VAL A 83 9.62 -9.51 -8.28
CA VAL A 83 8.86 -9.19 -7.07
C VAL A 83 7.44 -9.68 -7.23
N VAL A 84 6.96 -10.49 -6.29
CA VAL A 84 5.59 -11.01 -6.36
C VAL A 84 4.82 -10.63 -5.11
N PRO A 85 4.01 -9.56 -5.19
CA PRO A 85 3.19 -9.18 -4.04
C PRO A 85 2.17 -10.28 -3.72
N THR A 86 1.91 -10.59 -2.45
CA THR A 86 1.13 -11.69 -1.87
C THR A 86 1.11 -11.53 -0.36
N PRO A 87 -0.29 -11.74 -0.02
CA PRO A 87 -0.55 -11.64 1.41
C PRO A 87 0.24 -12.70 2.19
N ALA A 88 0.69 -13.75 1.49
CA ALA A 88 1.50 -14.80 2.10
C ALA A 88 3.01 -14.55 1.98
N GLY A 89 3.40 -13.32 1.66
CA GLY A 89 4.80 -13.03 1.41
C GLY A 89 5.61 -12.73 2.66
N TYR A 90 6.93 -12.66 2.50
CA TYR A 90 7.79 -12.07 3.53
C TYR A 90 7.41 -10.59 3.66
N PRO A 91 7.61 -9.98 4.84
CA PRO A 91 7.23 -8.57 4.98
C PRO A 91 8.11 -7.63 4.15
N PHE A 92 7.47 -6.76 3.38
CA PHE A 92 8.15 -5.66 2.71
C PHE A 92 8.36 -4.54 3.72
N THR A 93 9.61 -4.16 3.96
CA THR A 93 9.90 -3.10 4.93
C THR A 93 10.77 -2.00 4.31
N GLN A 94 11.01 -0.95 5.08
CA GLN A 94 11.89 0.12 4.60
C GLN A 94 13.28 -0.43 4.26
N GLU A 95 13.71 -1.45 5.00
CA GLU A 95 14.99 -2.10 4.71
C GLU A 95 14.98 -2.76 3.33
N THR A 96 13.86 -3.41 3.00
CA THR A 96 13.69 -3.99 1.67
C THR A 96 13.75 -2.90 0.60
N ALA A 97 13.04 -1.80 0.83
CA ALA A 97 12.98 -0.71 -0.12
C ALA A 97 14.39 -0.18 -0.44
N TRP A 98 15.20 -0.01 0.61
CA TRP A 98 16.58 0.44 0.43
C TRP A 98 17.37 -0.57 -0.37
N GLN A 99 17.22 -1.85 -0.06
CA GLN A 99 17.94 -2.88 -0.81
C GLN A 99 17.58 -2.85 -2.29
N TRP A 100 16.28 -2.76 -2.58
CA TRP A 100 15.84 -2.83 -3.97
C TRP A 100 16.12 -1.55 -4.77
N SER A 101 16.40 -0.45 -4.06
CA SER A 101 16.61 0.83 -4.75
C SER A 101 17.89 0.85 -5.59
N THR A 102 18.79 -0.09 -5.32
CA THR A 102 20.03 -0.17 -6.10
C THR A 102 19.96 -1.19 -7.26
N GLU A 103 18.81 -1.84 -7.42
CA GLU A 103 18.67 -2.84 -8.49
C GLU A 103 18.56 -2.23 -9.89
N ASP A 104 19.09 -2.92 -10.88
CA ASP A 104 18.98 -2.45 -12.27
C ASP A 104 17.61 -2.74 -12.90
N HIS A 105 16.99 -3.85 -12.49
CA HIS A 105 15.76 -4.30 -13.15
C HIS A 105 14.82 -5.00 -12.16
N LEU A 106 13.69 -4.37 -11.89
CA LEU A 106 12.62 -4.99 -11.10
C LEU A 106 11.48 -5.38 -12.02
N VAL A 107 10.96 -6.59 -11.85
CA VAL A 107 9.74 -6.98 -12.54
C VAL A 107 8.72 -7.32 -11.46
N ILE A 108 7.55 -6.69 -11.52
CA ILE A 108 6.55 -6.90 -10.48
C ILE A 108 5.36 -7.63 -11.08
N ALA A 109 5.12 -8.83 -10.59
CA ALA A 109 4.06 -9.68 -11.10
C ALA A 109 2.82 -9.56 -10.24
N CYS A 110 1.79 -8.91 -10.77
CA CYS A 110 0.56 -8.66 -10.02
C CYS A 110 -0.44 -9.77 -10.24
N GLY A 111 -0.75 -10.50 -9.18
CA GLY A 111 -1.75 -11.55 -9.28
C GLY A 111 -2.95 -11.32 -8.39
N ARG A 112 -3.98 -12.12 -8.57
CA ARG A 112 -5.10 -12.13 -7.62
C ARG A 112 -4.68 -12.79 -6.29
N TYR A 113 -5.45 -12.59 -5.23
CA TYR A 113 -4.96 -12.98 -3.91
C TYR A 113 -4.94 -14.49 -3.71
N GLU A 114 -5.79 -15.22 -4.43
CA GLU A 114 -5.78 -16.68 -4.41
C GLU A 114 -4.45 -17.20 -4.93
N GLY A 115 -3.83 -16.42 -5.81
CA GLY A 115 -2.44 -16.64 -6.15
C GLY A 115 -2.15 -17.02 -7.58
N ILE A 116 -0.86 -17.03 -7.88
CA ILE A 116 -0.33 -17.53 -9.13
C ILE A 116 0.15 -18.94 -8.83
N ASP A 117 -0.13 -19.89 -9.72
CA ASP A 117 0.38 -21.26 -9.58
C ASP A 117 1.81 -21.21 -9.05
N GLN A 118 2.09 -21.92 -7.98
CA GLN A 118 3.38 -21.80 -7.27
C GLN A 118 4.58 -22.19 -8.15
N ARG A 119 4.34 -23.03 -9.17
CA ARG A 119 5.43 -23.45 -10.04
C ARG A 119 6.04 -22.29 -10.82
N VAL A 120 5.29 -21.20 -11.01
CA VAL A 120 5.82 -20.04 -11.73
C VAL A 120 6.99 -19.43 -10.96
N ALA A 121 6.77 -19.12 -9.69
CA ALA A 121 7.84 -18.57 -8.85
C ALA A 121 8.97 -19.57 -8.69
N ASP A 122 8.61 -20.84 -8.47
CA ASP A 122 9.63 -21.86 -8.22
C ASP A 122 10.53 -22.05 -9.46
N ASP A 123 9.92 -22.08 -10.65
CA ASP A 123 10.69 -22.13 -11.90
C ASP A 123 11.56 -20.89 -12.07
N ALA A 124 10.97 -19.70 -11.89
CA ALA A 124 11.73 -18.47 -12.05
C ALA A 124 12.96 -18.42 -11.13
N ALA A 125 12.82 -18.95 -9.92
CA ALA A 125 13.87 -18.88 -8.92
C ALA A 125 15.08 -19.73 -9.29
N THR A 126 14.92 -20.63 -10.26
CA THR A 126 16.07 -21.43 -10.70
C THR A 126 16.96 -20.64 -11.67
N ARG A 127 16.54 -19.45 -12.09
CA ARG A 127 17.41 -18.66 -12.97
C ARG A 127 17.46 -17.15 -12.68
N MET A 128 16.71 -16.69 -11.69
CA MET A 128 16.78 -15.30 -11.26
C MET A 128 16.40 -15.20 -9.79
N ARG A 129 16.57 -14.02 -9.19
CA ARG A 129 16.15 -13.82 -7.81
C ARG A 129 14.66 -13.50 -7.74
N VAL A 130 13.95 -14.19 -6.84
CA VAL A 130 12.51 -14.01 -6.68
C VAL A 130 12.20 -13.63 -5.24
N ARG A 131 11.34 -12.63 -5.06
CA ARG A 131 10.95 -12.18 -3.73
C ARG A 131 9.42 -12.08 -3.63
N GLU A 132 8.83 -12.99 -2.86
CA GLU A 132 7.39 -12.89 -2.62
C GLU A 132 7.23 -12.06 -1.36
N VAL A 133 6.48 -10.97 -1.44
CA VAL A 133 6.40 -10.04 -0.31
C VAL A 133 5.01 -9.55 -0.05
N SER A 134 4.74 -9.24 1.22
CA SER A 134 3.46 -8.65 1.63
CA SER A 134 3.46 -8.65 1.63
C SER A 134 3.69 -7.23 2.14
N ILE A 135 2.83 -6.29 1.76
CA ILE A 135 3.01 -4.92 2.23
C ILE A 135 2.33 -4.63 3.57
N GLY A 136 1.62 -5.61 4.14
CA GLY A 136 1.03 -5.41 5.45
C GLY A 136 0.11 -6.54 5.87
N ASP A 137 -0.42 -6.46 7.09
CA ASP A 137 -1.28 -7.52 7.59
C ASP A 137 -2.74 -7.28 7.27
N TYR A 138 -3.06 -7.25 5.99
CA TYR A 138 -4.42 -7.14 5.51
C TYR A 138 -4.42 -7.78 4.13
N VAL A 139 -5.60 -8.17 3.68
CA VAL A 139 -5.73 -8.81 2.38
C VAL A 139 -6.32 -7.83 1.39
N LEU A 140 -5.71 -7.77 0.21
CA LEU A 140 -6.25 -7.03 -0.92
C LEU A 140 -6.75 -8.03 -1.94
N ASN A 141 -7.57 -7.57 -2.88
CA ASN A 141 -8.09 -8.48 -3.89
C ASN A 141 -7.03 -8.88 -4.92
N GLY A 142 -6.09 -7.97 -5.17
CA GLY A 142 -5.07 -8.20 -6.18
C GLY A 142 -3.79 -7.48 -5.83
N GLY A 143 -2.73 -7.78 -6.56
CA GLY A 143 -1.44 -7.18 -6.26
C GLY A 143 -1.18 -5.76 -6.72
N GLU A 144 -2.09 -5.17 -7.50
CA GLU A 144 -1.83 -3.86 -8.11
C GLU A 144 -1.59 -2.72 -7.10
N ALA A 145 -2.45 -2.59 -6.08
CA ALA A 145 -2.23 -1.54 -5.08
C ALA A 145 -0.89 -1.72 -4.35
N ALA A 146 -0.54 -2.97 -4.09
CA ALA A 146 0.74 -3.27 -3.44
C ALA A 146 1.90 -2.91 -4.36
N ALA A 147 1.75 -3.16 -5.65
CA ALA A 147 2.74 -2.72 -6.65
C ALA A 147 2.96 -1.22 -6.58
N LEU A 148 1.88 -0.45 -6.49
CA LEU A 148 2.00 1.00 -6.37
C LEU A 148 2.79 1.44 -5.13
N VAL A 149 2.52 0.78 -4.02
CA VAL A 149 3.20 1.08 -2.77
C VAL A 149 4.69 0.77 -2.88
N ILE A 150 5.00 -0.40 -3.43
CA ILE A 150 6.38 -0.82 -3.58
C ILE A 150 7.14 0.12 -4.50
N ILE A 151 6.51 0.49 -5.63
CA ILE A 151 7.19 1.36 -6.58
C ILE A 151 7.50 2.70 -5.95
N GLU A 152 6.52 3.23 -5.23
CA GLU A 152 6.75 4.52 -4.59
C GLU A 152 7.80 4.45 -3.47
N ALA A 153 7.74 3.42 -2.63
CA ALA A 153 8.69 3.30 -1.51
C ALA A 153 10.14 3.12 -2.01
N VAL A 154 10.29 2.41 -3.13
CA VAL A 154 11.63 2.14 -3.70
C VAL A 154 12.15 3.38 -4.44
N LEU A 155 11.34 3.95 -5.33
CA LEU A 155 11.83 5.03 -6.20
C LEU A 155 12.12 6.33 -5.46
N ARG A 156 11.46 6.57 -4.32
CA ARG A 156 11.77 7.80 -3.60
C ARG A 156 13.17 7.71 -2.96
N LEU A 157 13.75 6.50 -2.94
CA LEU A 157 15.12 6.32 -2.43
C LEU A 157 16.17 6.35 -3.54
N VAL A 158 15.74 6.41 -4.79
CA VAL A 158 16.68 6.59 -5.90
C VAL A 158 16.92 8.08 -6.12
N PRO A 159 18.18 8.51 -6.01
CA PRO A 159 18.55 9.93 -6.09
C PRO A 159 17.89 10.66 -7.27
N GLY A 160 17.03 11.63 -6.96
CA GLY A 160 16.47 12.52 -7.97
C GLY A 160 15.32 12.00 -8.82
N VAL A 161 14.70 10.89 -8.44
CA VAL A 161 13.69 10.28 -9.29
C VAL A 161 12.26 10.79 -9.05
N LEU A 162 11.81 10.86 -7.81
CA LEU A 162 10.42 11.26 -7.56
C LEU A 162 10.28 12.77 -7.29
N GLY A 163 11.40 13.48 -7.20
CA GLY A 163 11.38 14.92 -6.99
C GLY A 163 11.47 15.31 -5.53
N ASN A 164 11.62 14.30 -4.65
CA ASN A 164 11.66 14.52 -3.22
C ASN A 164 13.09 14.56 -2.66
N ALA A 165 13.29 15.33 -1.60
CA ALA A 165 14.59 15.45 -0.96
C ALA A 165 14.62 14.69 0.36
N SER A 179 13.48 1.79 16.45
CA SER A 179 13.50 3.25 16.37
C SER A 179 12.21 3.85 16.92
N LEU A 180 11.92 5.09 16.52
CA LEU A 180 10.78 5.82 17.08
C LEU A 180 9.94 6.50 15.99
N LEU A 181 8.69 6.78 16.33
CA LEU A 181 7.81 7.50 15.43
C LEU A 181 8.11 8.99 15.46
N GLU A 182 7.87 9.67 14.33
CA GLU A 182 7.91 11.13 14.28
C GLU A 182 6.79 11.73 15.12
N GLY A 183 7.09 12.76 15.90
CA GLY A 183 6.06 13.45 16.68
C GLY A 183 5.26 14.45 15.86
N PRO A 184 4.43 15.26 16.52
CA PRO A 184 3.55 16.20 15.82
C PRO A 184 4.32 17.36 15.19
N SER A 185 3.80 17.86 14.08
CA SER A 185 4.40 19.01 13.40
CA SER A 185 4.40 19.01 13.42
C SER A 185 3.42 20.17 13.36
N TYR A 186 3.94 21.39 13.25
CA TYR A 186 3.10 22.59 13.29
C TYR A 186 3.64 23.65 12.34
N THR A 187 2.73 24.45 11.79
CA THR A 187 3.15 25.63 11.03
C THR A 187 2.18 26.77 11.34
N ARG A 188 2.34 27.89 10.62
CA ARG A 188 1.47 29.06 10.81
C ARG A 188 -0.02 28.77 10.55
N PRO A 189 -0.91 29.45 11.26
CA PRO A 189 -0.67 30.51 12.26
C PRO A 189 -0.36 29.98 13.66
N PRO A 190 0.17 30.83 14.56
CA PRO A 190 0.56 30.35 15.89
C PRO A 190 -0.64 29.92 16.74
N SER A 191 -1.80 30.49 16.45
CA SER A 191 -3.04 30.11 17.12
CA SER A 191 -3.04 30.14 17.13
C SER A 191 -4.14 29.87 16.11
N TRP A 192 -4.77 28.70 16.20
CA TRP A 192 -5.79 28.30 15.23
C TRP A 192 -6.90 27.51 15.91
N ARG A 193 -8.13 27.99 15.79
CA ARG A 193 -9.30 27.37 16.42
C ARG A 193 -9.07 27.01 17.88
N GLY A 194 -8.48 27.95 18.61
CA GLY A 194 -8.30 27.80 20.04
C GLY A 194 -7.10 26.97 20.45
N MET A 195 -6.32 26.52 19.48
CA MET A 195 -5.16 25.67 19.76
C MET A 195 -3.84 26.38 19.38
N ASP A 196 -2.98 26.55 20.37
CA ASP A 196 -1.69 27.21 20.18
C ASP A 196 -0.59 26.21 19.81
N VAL A 197 0.33 26.64 18.95
CA VAL A 197 1.55 25.87 18.71
C VAL A 197 2.33 25.79 20.03
N PRO A 198 2.86 24.61 20.39
CA PRO A 198 3.64 24.53 21.65
C PRO A 198 4.72 25.60 21.71
N PRO A 199 4.69 26.43 22.75
CA PRO A 199 5.59 27.59 22.86
C PRO A 199 7.06 27.23 22.73
N VAL A 200 7.45 26.03 23.15
CA VAL A 200 8.86 25.65 23.09
C VAL A 200 9.42 25.74 21.66
N LEU A 201 8.57 25.49 20.67
CA LEU A 201 8.97 25.51 19.26
C LEU A 201 9.30 26.94 18.80
N LEU A 202 8.78 27.93 19.52
CA LEU A 202 9.07 29.33 19.19
C LEU A 202 10.13 29.94 20.10
N SER A 203 10.81 29.11 20.88
CA SER A 203 11.68 29.59 21.95
C SER A 203 13.07 29.99 21.50
N GLY A 204 13.51 29.49 20.34
CA GLY A 204 14.88 29.69 19.93
C GLY A 204 15.90 28.96 20.80
N ASP A 205 15.43 27.98 21.58
CA ASP A 205 16.34 27.14 22.36
C ASP A 205 16.40 25.81 21.64
N HIS A 206 17.35 25.64 20.74
CA HIS A 206 17.26 24.50 19.85
C HIS A 206 17.64 23.18 20.49
N ALA A 207 18.44 23.21 21.56
CA ALA A 207 18.69 21.96 22.26
C ALA A 207 17.44 21.52 23.01
N LYS A 208 16.70 22.47 23.57
CA LYS A 208 15.48 22.14 24.30
C LYS A 208 14.38 21.63 23.35
N ILE A 209 14.30 22.24 22.17
CA ILE A 209 13.35 21.80 21.16
C ILE A 209 13.63 20.35 20.78
N ALA A 210 14.90 20.01 20.59
CA ALA A 210 15.26 18.63 20.25
C ALA A 210 14.84 17.66 21.34
N ALA A 211 15.04 18.04 22.60
CA ALA A 211 14.65 17.18 23.71
C ALA A 211 13.13 17.04 23.80
N TRP A 212 12.42 18.14 23.57
CA TRP A 212 10.95 18.10 23.58
C TRP A 212 10.43 17.17 22.48
N ARG A 213 10.99 17.29 21.29
CA ARG A 213 10.57 16.43 20.18
C ARG A 213 10.86 14.97 20.48
N ALA A 214 11.99 14.70 21.12
CA ALA A 214 12.36 13.34 21.52
C ALA A 214 11.31 12.75 22.47
N GLU A 215 10.88 13.54 23.45
CA GLU A 215 9.88 13.08 24.39
C GLU A 215 8.53 12.87 23.68
N GLN A 216 8.20 13.76 22.74
CA GLN A 216 6.94 13.58 21.97
C GLN A 216 6.99 12.29 21.18
N SER A 217 8.14 12.03 20.57
CA SER A 217 8.37 10.80 19.82
CA SER A 217 8.33 10.80 19.82
C SER A 217 8.22 9.58 20.72
N ARG A 218 8.79 9.67 21.93
CA ARG A 218 8.71 8.55 22.87
C ARG A 218 7.26 8.27 23.25
N GLN A 219 6.50 9.31 23.59
CA GLN A 219 5.11 9.13 24.00
C GLN A 219 4.27 8.55 22.88
N ARG A 220 4.46 9.07 21.67
CA ARG A 220 3.64 8.63 20.55
C ARG A 220 3.94 7.17 20.21
N THR A 221 5.21 6.80 20.28
CA THR A 221 5.61 5.43 19.98
C THR A 221 5.01 4.46 21.00
N ILE A 222 5.07 4.82 22.28
CA ILE A 222 4.47 4.00 23.33
C ILE A 222 2.98 3.81 23.09
N GLU A 223 2.30 4.89 22.74
CA GLU A 223 0.83 4.85 22.54
C GLU A 223 0.43 4.08 21.28
N ARG A 224 1.14 4.30 20.17
CA ARG A 224 0.68 3.78 18.88
C ARG A 224 1.41 2.53 18.39
N ARG A 225 2.68 2.41 18.73
CA ARG A 225 3.51 1.31 18.25
C ARG A 225 4.39 0.73 19.36
N PRO A 226 3.78 0.21 20.44
CA PRO A 226 4.62 -0.32 21.52
C PRO A 226 5.52 -1.47 21.08
N ASP A 227 5.17 -2.11 19.96
CA ASP A 227 6.01 -3.17 19.40
C ASP A 227 7.42 -2.69 19.06
N LEU A 228 7.56 -1.41 18.71
CA LEU A 228 8.87 -0.84 18.34
C LEU A 228 9.80 -0.67 19.53
N LEU A 229 9.28 -0.90 20.73
CA LEU A 229 10.09 -0.77 21.94
C LEU A 229 10.24 -2.10 22.66
N SER B 2 -24.41 0.44 1.93
CA SER B 2 -24.23 1.67 1.17
C SER B 2 -23.26 2.62 1.86
N MET B 3 -22.08 2.79 1.27
CA MET B 3 -20.99 3.54 1.89
C MET B 3 -20.57 4.73 1.04
N LYS B 4 -20.20 5.83 1.69
CA LYS B 4 -19.63 6.97 1.00
C LYS B 4 -18.17 7.12 1.40
N ILE B 5 -17.29 7.26 0.41
CA ILE B 5 -15.89 7.54 0.68
C ILE B 5 -15.46 8.82 -0.02
N ASP B 6 -15.04 9.81 0.76
CA ASP B 6 -14.45 11.02 0.19
C ASP B 6 -12.93 10.97 0.40
N VAL B 7 -12.16 11.28 -0.64
CA VAL B 7 -10.70 11.36 -0.52
C VAL B 7 -10.29 12.79 -0.80
N VAL B 8 -9.45 13.37 0.05
CA VAL B 8 -9.00 14.75 -0.18
C VAL B 8 -7.49 14.75 -0.38
N THR B 9 -7.04 15.39 -1.45
CA THR B 9 -5.66 15.24 -1.92
C THR B 9 -5.26 16.42 -2.79
N ILE B 10 -3.96 16.71 -2.90
CA ILE B 10 -3.53 17.71 -3.87
C ILE B 10 -3.18 17.06 -5.22
N PHE B 11 -3.29 15.73 -5.28
CA PHE B 11 -3.10 15.00 -6.55
C PHE B 11 -4.30 14.10 -6.85
N PRO B 12 -5.46 14.70 -7.16
CA PRO B 12 -6.67 13.90 -7.43
C PRO B 12 -6.48 12.89 -8.56
N GLU B 13 -5.60 13.18 -9.51
CA GLU B 13 -5.38 12.25 -10.62
C GLU B 13 -4.84 10.88 -10.13
N TYR B 14 -4.07 10.88 -9.05
CA TYR B 14 -3.48 9.64 -8.55
C TYR B 14 -4.53 8.66 -8.05
N LEU B 15 -5.73 9.14 -7.72
CA LEU B 15 -6.74 8.26 -7.13
C LEU B 15 -7.61 7.59 -8.19
N GLN B 16 -7.36 7.91 -9.46
CA GLN B 16 -8.09 7.30 -10.57
C GLN B 16 -8.06 5.74 -10.66
N PRO B 17 -6.95 5.09 -10.20
CA PRO B 17 -6.97 3.62 -10.13
C PRO B 17 -8.14 3.02 -9.36
N VAL B 18 -8.80 3.82 -8.53
CA VAL B 18 -9.94 3.36 -7.76
C VAL B 18 -11.09 2.90 -8.68
N ARG B 19 -11.01 3.30 -9.93
CA ARG B 19 -12.00 2.96 -10.93
C ARG B 19 -11.81 1.59 -11.54
N GLN B 20 -10.72 0.94 -11.21
CA GLN B 20 -10.38 -0.38 -11.69
C GLN B 20 -10.74 -1.47 -10.71
N SER B 21 -10.68 -2.68 -11.20
CA SER B 21 -10.94 -3.90 -10.45
C SER B 21 -12.05 -3.86 -9.43
N LEU B 22 -11.76 -4.37 -8.25
CA LEU B 22 -12.78 -4.49 -7.21
C LEU B 22 -13.47 -3.22 -6.84
N PRO B 23 -12.72 -2.16 -6.54
CA PRO B 23 -13.36 -0.90 -6.19
C PRO B 23 -14.21 -0.34 -7.30
N GLY B 24 -13.77 -0.48 -8.53
CA GLY B 24 -14.55 -0.02 -9.65
C GLY B 24 -15.84 -0.78 -9.77
N LYS B 25 -15.77 -2.07 -9.56
CA LYS B 25 -16.95 -2.91 -9.64
C LYS B 25 -17.94 -2.55 -8.55
N ALA B 26 -17.44 -2.29 -7.36
CA ALA B 26 -18.27 -1.90 -6.23
C ALA B 26 -18.98 -0.57 -6.51
N ILE B 27 -18.27 0.34 -7.17
CA ILE B 27 -18.83 1.63 -7.56
C ILE B 27 -19.95 1.43 -8.59
N ASP B 28 -19.68 0.59 -9.58
CA ASP B 28 -20.63 0.34 -10.67
C ASP B 28 -21.89 -0.35 -10.16
N ALA B 29 -21.75 -1.12 -9.08
CA ALA B 29 -22.88 -1.84 -8.49
C ALA B 29 -23.62 -0.98 -7.46
N GLY B 30 -23.15 0.25 -7.27
CA GLY B 30 -23.80 1.20 -6.38
C GLY B 30 -23.65 0.87 -4.90
N LEU B 31 -22.64 0.07 -4.57
CA LEU B 31 -22.42 -0.34 -3.18
C LEU B 31 -21.61 0.70 -2.43
N VAL B 32 -20.90 1.53 -3.19
CA VAL B 32 -20.10 2.60 -2.61
C VAL B 32 -20.05 3.75 -3.61
N ASP B 33 -19.95 4.97 -3.09
CA ASP B 33 -19.69 6.12 -3.91
C ASP B 33 -18.36 6.69 -3.46
N VAL B 34 -17.39 6.79 -4.37
CA VAL B 34 -16.08 7.34 -4.02
C VAL B 34 -15.91 8.70 -4.70
N ALA B 35 -15.73 9.75 -3.91
CA ALA B 35 -15.54 11.08 -4.47
C ALA B 35 -14.14 11.60 -4.10
N VAL B 36 -13.43 12.14 -5.08
CA VAL B 36 -12.07 12.65 -4.86
C VAL B 36 -12.08 14.18 -4.97
N HIS B 37 -11.49 14.85 -4.00
CA HIS B 37 -11.51 16.32 -3.94
C HIS B 37 -10.12 16.91 -3.94
N ASP B 38 -9.92 17.91 -4.79
CA ASP B 38 -8.68 18.68 -4.83
C ASP B 38 -8.62 19.64 -3.65
N LEU B 39 -7.71 19.41 -2.72
CA LEU B 39 -7.53 20.27 -1.55
C LEU B 39 -7.39 21.76 -1.92
N ARG B 40 -6.81 22.05 -3.09
CA ARG B 40 -6.57 23.45 -3.46
C ARG B 40 -7.86 24.23 -3.72
N ARG B 41 -8.99 23.52 -3.82
CA ARG B 41 -10.31 24.17 -3.89
C ARG B 41 -10.59 25.08 -2.70
N TRP B 42 -9.97 24.80 -1.56
CA TRP B 42 -10.29 25.55 -0.35
C TRP B 42 -9.23 26.60 -0.02
N THR B 43 -8.35 26.89 -0.98
CA THR B 43 -7.35 27.92 -0.79
C THR B 43 -7.93 29.26 -1.25
N HIS B 44 -7.35 30.37 -0.81
CA HIS B 44 -7.88 31.67 -1.18
C HIS B 44 -6.83 32.65 -1.71
N ASP B 45 -5.55 32.26 -1.65
CA ASP B 45 -4.49 33.05 -2.25
C ASP B 45 -4.34 32.67 -3.72
N VAL B 46 -3.70 33.54 -4.50
CA VAL B 46 -3.57 33.32 -5.94
C VAL B 46 -2.57 32.21 -6.27
N HIS B 47 -1.67 31.92 -5.33
CA HIS B 47 -0.69 30.85 -5.51
C HIS B 47 -1.21 29.51 -5.00
N LYS B 48 -2.40 29.53 -4.42
CA LYS B 48 -3.07 28.33 -3.92
C LYS B 48 -2.18 27.51 -2.97
N SER B 49 -1.58 28.20 -1.99
CA SER B 49 -0.59 27.57 -1.11
C SER B 49 -1.22 26.63 -0.08
N VAL B 50 -0.66 25.43 0.06
CA VAL B 50 -1.21 24.47 1.00
C VAL B 50 -0.20 24.10 2.08
N ASP B 51 1.04 24.57 1.94
CA ASP B 51 2.12 24.21 2.86
C ASP B 51 2.94 25.42 3.34
N ASP B 52 3.67 25.23 4.44
CA ASP B 52 4.48 26.30 5.02
C ASP B 52 5.61 25.64 5.82
N SER B 53 6.68 26.39 6.12
CA SER B 53 7.80 25.83 6.88
CA SER B 53 7.81 25.85 6.88
C SER B 53 7.40 25.49 8.31
N PRO B 54 8.03 24.46 8.90
CA PRO B 54 7.64 24.03 10.25
C PRO B 54 8.10 24.95 11.39
N TYR B 55 7.24 25.16 12.37
CA TYR B 55 7.68 25.78 13.61
C TYR B 55 8.70 24.90 14.31
N GLY B 56 9.75 25.51 14.86
CA GLY B 56 10.75 24.76 15.61
C GLY B 56 11.84 24.20 14.74
N GLY B 57 11.72 24.39 13.43
CA GLY B 57 12.75 23.97 12.50
C GLY B 57 12.59 22.56 12.00
N GLY B 58 13.47 22.19 11.08
CA GLY B 58 13.46 20.86 10.51
C GLY B 58 13.37 20.97 9.00
N PRO B 59 13.58 19.85 8.31
CA PRO B 59 13.52 19.87 6.85
C PRO B 59 12.07 19.83 6.34
N GLY B 60 11.88 20.30 5.12
CA GLY B 60 10.59 20.15 4.46
C GLY B 60 9.54 21.17 4.86
N MET B 61 8.31 20.85 4.49
CA MET B 61 7.17 21.74 4.69
C MET B 61 6.05 20.99 5.40
N VAL B 62 5.15 21.72 6.03
CA VAL B 62 4.03 21.12 6.74
C VAL B 62 2.76 21.63 6.10
N MET B 63 1.74 20.78 5.95
CA MET B 63 0.53 21.30 5.34
C MET B 63 -0.24 22.19 6.32
N LYS B 64 -0.70 23.32 5.82
CA LYS B 64 -1.37 24.35 6.63
C LYS B 64 -2.69 23.88 7.23
N PRO B 65 -2.93 24.20 8.50
CA PRO B 65 -4.22 23.76 9.07
C PRO B 65 -5.44 24.51 8.52
N THR B 66 -5.27 25.77 8.12
CA THR B 66 -6.42 26.57 7.66
C THR B 66 -7.15 25.93 6.48
N VAL B 67 -6.38 25.55 5.46
CA VAL B 67 -6.96 24.95 4.26
C VAL B 67 -7.66 23.63 4.57
N TRP B 68 -6.98 22.76 5.34
CA TRP B 68 -7.53 21.47 5.72
C TRP B 68 -8.80 21.65 6.55
N GLY B 69 -8.77 22.62 7.48
CA GLY B 69 -9.93 22.89 8.31
C GLY B 69 -11.17 23.24 7.49
N ASP B 70 -11.01 24.11 6.51
CA ASP B 70 -12.14 24.48 5.64
C ASP B 70 -12.60 23.29 4.81
N ALA B 71 -11.66 22.50 4.30
CA ALA B 71 -12.04 21.33 3.51
C ALA B 71 -12.86 20.36 4.36
N LEU B 72 -12.38 20.06 5.56
CA LEU B 72 -13.04 19.07 6.40
C LEU B 72 -14.36 19.59 6.98
N ASP B 73 -14.44 20.89 7.26
CA ASP B 73 -15.73 21.51 7.64
C ASP B 73 -16.83 21.22 6.63
N GLU B 74 -16.47 21.31 5.35
CA GLU B 74 -17.45 21.14 4.28
C GLU B 74 -17.80 19.67 4.02
N ILE B 75 -16.80 18.82 4.04
CA ILE B 75 -16.96 17.41 3.76
C ILE B 75 -17.44 16.52 4.89
N CYS B 76 -16.95 16.76 6.08
CA CYS B 76 -17.28 15.87 7.21
C CYS B 76 -18.54 16.24 7.99
N THR B 77 -19.14 15.24 8.63
CA THR B 77 -20.21 15.46 9.59
C THR B 77 -19.79 14.77 10.90
N SER B 78 -20.61 14.87 11.94
CA SER B 78 -20.27 14.24 13.22
C SER B 78 -20.24 12.70 13.12
N GLU B 79 -20.87 12.16 12.08
CA GLU B 79 -20.91 10.71 11.88
C GLU B 79 -19.69 10.18 11.12
N THR B 80 -18.93 11.09 10.52
CA THR B 80 -17.78 10.73 9.69
C THR B 80 -16.66 10.04 10.46
N LEU B 81 -16.06 9.01 9.85
CA LEU B 81 -14.80 8.49 10.33
C LEU B 81 -13.69 9.11 9.49
N LEU B 82 -12.90 9.96 10.12
CA LEU B 82 -11.83 10.64 9.41
C LEU B 82 -10.57 9.81 9.53
N VAL B 83 -10.05 9.38 8.38
CA VAL B 83 -8.88 8.52 8.29
C VAL B 83 -7.70 9.35 7.79
N VAL B 84 -6.61 9.36 8.54
CA VAL B 84 -5.42 10.12 8.14
C VAL B 84 -4.23 9.19 8.00
N PRO B 85 -3.91 8.76 6.77
CA PRO B 85 -2.72 7.93 6.63
C PRO B 85 -1.46 8.69 7.01
N THR B 86 -0.49 8.09 7.65
CA THR B 86 0.74 8.60 8.26
C THR B 86 1.57 7.44 8.80
N PRO B 87 2.94 7.70 8.42
CA PRO B 87 3.91 6.70 8.87
C PRO B 87 3.94 6.61 10.39
N ALA B 88 3.46 7.65 11.05
CA ALA B 88 3.44 7.67 12.51
C ALA B 88 2.10 7.20 13.08
N GLY B 89 1.29 6.53 12.28
CA GLY B 89 -0.05 6.16 12.73
C GLY B 89 -0.12 4.83 13.48
N TYR B 90 -1.29 4.55 14.04
CA TYR B 90 -1.62 3.20 14.53
C TYR B 90 -1.58 2.25 13.32
N PRO B 91 -1.21 0.97 13.54
CA PRO B 91 -1.20 0.05 12.39
C PRO B 91 -2.61 -0.19 11.81
N PHE B 92 -2.74 -0.08 10.50
CA PHE B 92 -3.95 -0.49 9.80
C PHE B 92 -3.82 -2.00 9.57
N THR B 93 -4.76 -2.78 10.11
CA THR B 93 -4.70 -4.25 9.98
C THR B 93 -6.00 -4.83 9.41
N GLN B 94 -6.04 -6.15 9.25
CA GLN B 94 -7.27 -6.80 8.77
C GLN B 94 -8.43 -6.49 9.71
N GLU B 95 -8.14 -6.46 11.00
CA GLU B 95 -9.17 -6.14 11.98
C GLU B 95 -9.74 -4.73 11.72
N THR B 96 -8.86 -3.77 11.42
CA THR B 96 -9.30 -2.41 11.10
C THR B 96 -10.18 -2.40 9.86
N ALA B 97 -9.79 -3.18 8.86
CA ALA B 97 -10.55 -3.26 7.61
C ALA B 97 -11.96 -3.73 7.90
N TRP B 98 -12.10 -4.82 8.66
CA TRP B 98 -13.42 -5.32 9.04
C TRP B 98 -14.23 -4.26 9.78
N GLN B 99 -13.57 -3.55 10.69
CA GLN B 99 -14.27 -2.52 11.47
C GLN B 99 -14.78 -1.41 10.57
N TRP B 100 -13.96 -0.96 9.65
CA TRP B 100 -14.35 0.19 8.84
C TRP B 100 -15.32 -0.23 7.75
N SER B 101 -15.44 -1.54 7.52
CA SER B 101 -16.30 -2.01 6.43
C SER B 101 -17.77 -1.79 6.77
N THR B 102 -18.07 -1.48 8.02
CA THR B 102 -19.47 -1.22 8.37
C THR B 102 -19.77 0.28 8.58
N GLU B 103 -18.84 1.14 8.18
CA GLU B 103 -19.03 2.59 8.33
C GLU B 103 -19.86 3.18 7.20
N ASP B 104 -20.67 4.20 7.51
CA ASP B 104 -21.45 4.87 6.47
C ASP B 104 -20.63 5.87 5.65
N HIS B 105 -19.64 6.49 6.29
CA HIS B 105 -18.91 7.60 5.67
C HIS B 105 -17.46 7.63 6.11
N LEU B 106 -16.56 7.36 5.17
CA LEU B 106 -15.13 7.49 5.41
C LEU B 106 -14.62 8.70 4.67
N VAL B 107 -13.83 9.53 5.35
CA VAL B 107 -13.11 10.59 4.67
C VAL B 107 -11.64 10.37 4.88
N ILE B 108 -10.89 10.32 3.78
CA ILE B 108 -9.45 10.02 3.84
C ILE B 108 -8.66 11.28 3.46
N ALA B 109 -7.87 11.77 4.41
CA ALA B 109 -7.07 12.97 4.19
C ALA B 109 -5.67 12.58 3.80
N CYS B 110 -5.28 12.87 2.56
CA CYS B 110 -3.96 12.49 2.08
C CYS B 110 -2.99 13.62 2.29
N GLY B 111 -1.98 13.38 3.13
CA GLY B 111 -0.95 14.36 3.39
C GLY B 111 0.17 14.25 2.39
N ARG B 112 0.92 15.33 2.24
CA ARG B 112 2.13 15.39 1.42
C ARG B 112 3.18 16.11 2.22
N TYR B 113 4.32 16.37 1.59
CA TYR B 113 5.46 17.00 2.25
C TYR B 113 5.82 16.22 3.52
N GLU B 114 6.00 16.93 4.64
CA GLU B 114 6.37 16.25 5.88
C GLU B 114 5.18 16.00 6.82
N GLY B 115 3.97 16.16 6.30
CA GLY B 115 2.79 15.87 7.10
C GLY B 115 1.82 17.03 7.22
N ILE B 116 0.74 16.81 7.97
CA ILE B 116 -0.30 17.80 8.18
C ILE B 116 -0.16 18.36 9.60
N ASP B 117 -0.28 19.68 9.75
CA ASP B 117 -0.29 20.32 11.08
C ASP B 117 -1.16 19.52 12.06
N GLN B 118 -0.61 19.14 13.21
CA GLN B 118 -1.30 18.24 14.15
C GLN B 118 -2.66 18.77 14.62
N ARG B 119 -2.84 20.08 14.56
CA ARG B 119 -4.09 20.67 15.04
C ARG B 119 -5.28 20.31 14.16
N VAL B 120 -5.04 19.93 12.91
CA VAL B 120 -6.14 19.54 12.04
C VAL B 120 -6.84 18.32 12.63
N ALA B 121 -6.06 17.28 12.93
CA ALA B 121 -6.64 16.09 13.53
C ALA B 121 -7.20 16.39 14.94
N ASP B 122 -6.52 17.22 15.72
CA ASP B 122 -7.00 17.54 17.07
C ASP B 122 -8.36 18.24 17.03
N ASP B 123 -8.48 19.23 16.17
CA ASP B 123 -9.74 19.97 15.98
C ASP B 123 -10.86 19.04 15.51
N ALA B 124 -10.56 18.22 14.52
CA ALA B 124 -11.56 17.29 13.98
C ALA B 124 -12.08 16.35 15.06
N ALA B 125 -11.20 15.92 15.96
CA ALA B 125 -11.55 14.95 16.98
C ALA B 125 -12.55 15.49 18.00
N THR B 126 -12.71 16.81 18.04
CA THR B 126 -13.72 17.43 18.90
C THR B 126 -15.13 17.29 18.31
N ARG B 127 -15.22 16.88 17.06
CA ARG B 127 -16.51 16.81 16.36
C ARG B 127 -16.80 15.41 15.80
N MET B 128 -15.76 14.63 15.56
CA MET B 128 -15.94 13.33 14.92
C MET B 128 -14.89 12.34 15.37
N ARG B 129 -15.01 11.09 14.94
CA ARG B 129 -13.99 10.09 15.22
C ARG B 129 -12.84 10.23 14.23
N VAL B 130 -11.60 10.20 14.71
CA VAL B 130 -10.41 10.40 13.87
C VAL B 130 -9.46 9.24 14.09
N ARG B 131 -8.92 8.69 13.01
CA ARG B 131 -7.97 7.58 13.10
C ARG B 131 -6.74 7.86 12.25
N GLU B 132 -5.60 8.09 12.88
CA GLU B 132 -4.33 8.19 12.16
C GLU B 132 -3.73 6.79 12.04
N VAL B 133 -3.49 6.34 10.82
CA VAL B 133 -3.06 4.96 10.59
C VAL B 133 -1.91 4.84 9.60
N SER B 134 -1.09 3.82 9.84
CA SER B 134 0.02 3.47 8.94
CA SER B 134 0.00 3.49 8.91
C SER B 134 -0.27 2.14 8.26
N ILE B 135 -0.09 2.08 6.95
CA ILE B 135 -0.38 0.81 6.26
C ILE B 135 0.82 -0.15 6.31
N GLY B 136 1.97 0.30 6.81
CA GLY B 136 3.11 -0.60 6.89
C GLY B 136 4.38 0.10 7.29
N ASP B 137 5.45 -0.66 7.53
CA ASP B 137 6.69 -0.08 8.02
C ASP B 137 7.63 0.29 6.88
N TYR B 138 7.20 1.25 6.08
CA TYR B 138 7.99 1.81 4.99
C TYR B 138 7.48 3.22 4.80
N VAL B 139 8.25 4.05 4.12
CA VAL B 139 7.89 5.44 3.96
C VAL B 139 7.46 5.71 2.51
N LEU B 140 6.35 6.41 2.37
CA LEU B 140 5.87 6.86 1.07
C LEU B 140 6.03 8.38 0.98
N ASN B 141 5.88 8.94 -0.21
CA ASN B 141 5.95 10.39 -0.36
C ASN B 141 4.65 11.06 0.08
N GLY B 142 3.55 10.32 -0.01
CA GLY B 142 2.27 10.91 0.30
C GLY B 142 1.23 9.86 0.68
N GLY B 143 0.05 10.31 1.07
CA GLY B 143 -0.98 9.42 1.58
C GLY B 143 -1.85 8.77 0.51
N GLU B 144 -1.66 9.17 -0.75
CA GLU B 144 -2.53 8.71 -1.85
C GLU B 144 -2.46 7.20 -2.09
N ALA B 145 -1.26 6.62 -2.17
CA ALA B 145 -1.16 5.16 -2.33
C ALA B 145 -1.74 4.42 -1.13
N ALA B 146 -1.54 4.95 0.08
CA ALA B 146 -2.14 4.33 1.26
C ALA B 146 -3.67 4.39 1.22
N ALA B 147 -4.21 5.50 0.73
CA ALA B 147 -5.66 5.61 0.53
C ALA B 147 -6.20 4.50 -0.38
N LEU B 148 -5.48 4.22 -1.46
CA LEU B 148 -5.93 3.18 -2.40
C LEU B 148 -5.92 1.81 -1.72
N VAL B 149 -4.88 1.57 -0.93
CA VAL B 149 -4.73 0.32 -0.17
C VAL B 149 -5.88 0.18 0.82
N ILE B 150 -6.13 1.22 1.59
CA ILE B 150 -7.22 1.18 2.57
C ILE B 150 -8.58 0.94 1.92
N ILE B 151 -8.85 1.67 0.82
CA ILE B 151 -10.11 1.50 0.12
C ILE B 151 -10.28 0.06 -0.38
N GLU B 152 -9.22 -0.51 -0.95
CA GLU B 152 -9.32 -1.88 -1.46
C GLU B 152 -9.52 -2.89 -0.34
N ALA B 153 -8.80 -2.72 0.77
CA ALA B 153 -8.89 -3.67 1.87
C ALA B 153 -10.28 -3.61 2.54
N VAL B 154 -10.88 -2.42 2.56
CA VAL B 154 -12.18 -2.22 3.20
C VAL B 154 -13.34 -2.67 2.29
N LEU B 155 -13.28 -2.24 1.03
CA LEU B 155 -14.39 -2.49 0.09
C LEU B 155 -14.64 -3.95 -0.18
N ARG B 156 -13.60 -4.77 -0.19
CA ARG B 156 -13.81 -6.18 -0.47
C ARG B 156 -14.52 -6.90 0.69
N LEU B 157 -14.71 -6.20 1.81
CA LEU B 157 -15.38 -6.78 2.98
C LEU B 157 -16.84 -6.30 3.14
N VAL B 158 -17.23 -5.29 2.38
CA VAL B 158 -18.58 -4.71 2.52
C VAL B 158 -19.62 -5.75 2.14
N PRO B 159 -20.71 -5.86 2.94
CA PRO B 159 -21.71 -6.92 2.74
C PRO B 159 -22.16 -7.07 1.29
N GLY B 160 -22.27 -5.95 0.57
CA GLY B 160 -22.58 -5.97 -0.84
C GLY B 160 -21.72 -6.87 -1.71
N VAL B 161 -20.42 -6.94 -1.46
CA VAL B 161 -19.58 -7.82 -2.28
C VAL B 161 -19.56 -9.25 -1.70
N LEU B 162 -19.30 -9.36 -0.40
CA LEU B 162 -19.30 -10.64 0.29
C LEU B 162 -19.21 -10.43 1.80
N SER B 179 -3.54 -14.51 12.23
CA SER B 179 -3.96 -15.85 11.84
C SER B 179 -2.77 -16.60 11.23
N LEU B 180 -2.92 -17.12 10.01
CA LEU B 180 -1.84 -17.88 9.36
C LEU B 180 -1.81 -17.61 7.86
N LEU B 181 -0.70 -17.97 7.22
CA LEU B 181 -0.51 -17.68 5.79
C LEU B 181 -1.06 -18.78 4.89
N GLU B 182 -1.64 -18.39 3.75
CA GLU B 182 -2.11 -19.36 2.79
C GLU B 182 -0.90 -20.02 2.15
N GLY B 183 -0.97 -21.34 1.97
CA GLY B 183 0.11 -22.07 1.34
C GLY B 183 0.01 -21.96 -0.18
N PRO B 184 0.84 -22.70 -0.89
CA PRO B 184 0.90 -22.65 -2.36
C PRO B 184 -0.37 -23.19 -3.01
N SER B 185 -0.71 -22.64 -4.17
CA SER B 185 -1.87 -23.06 -4.95
CA SER B 185 -1.86 -23.11 -4.93
C SER B 185 -1.40 -23.52 -6.33
N TYR B 186 -2.18 -24.39 -6.96
CA TYR B 186 -1.82 -24.94 -8.27
C TYR B 186 -3.06 -25.07 -9.14
N THR B 187 -2.87 -25.05 -10.47
CA THR B 187 -3.96 -25.33 -11.37
C THR B 187 -3.40 -26.04 -12.61
N ARG B 188 -4.24 -26.28 -13.61
CA ARG B 188 -3.81 -27.08 -14.76
C ARG B 188 -2.68 -26.43 -15.56
N PRO B 189 -1.80 -27.23 -16.18
CA PRO B 189 -1.73 -28.69 -16.26
C PRO B 189 -1.04 -29.35 -15.06
N PRO B 190 -1.25 -30.66 -14.85
CA PRO B 190 -0.69 -31.35 -13.67
C PRO B 190 0.83 -31.45 -13.71
N SER B 191 1.40 -31.36 -14.91
CA SER B 191 2.85 -31.31 -15.04
CA SER B 191 2.85 -31.32 -15.05
C SER B 191 3.23 -30.16 -15.96
N TRP B 192 4.18 -29.35 -15.54
CA TRP B 192 4.60 -28.19 -16.33
C TRP B 192 6.09 -27.93 -16.18
N ARG B 193 6.81 -27.88 -17.32
CA ARG B 193 8.27 -27.74 -17.34
C ARG B 193 8.95 -28.75 -16.44
N GLY B 194 8.35 -29.93 -16.30
CA GLY B 194 8.91 -30.99 -15.48
C GLY B 194 8.66 -30.82 -13.99
N MET B 195 7.79 -29.88 -13.63
CA MET B 195 7.37 -29.67 -12.26
C MET B 195 5.92 -30.16 -12.08
N ASP B 196 5.71 -31.07 -11.15
CA ASP B 196 4.41 -31.70 -10.95
C ASP B 196 3.65 -31.08 -9.79
N VAL B 197 2.34 -30.89 -9.96
CA VAL B 197 1.47 -30.57 -8.83
C VAL B 197 1.57 -31.69 -7.78
N PRO B 198 1.68 -31.33 -6.48
CA PRO B 198 1.75 -32.34 -5.42
C PRO B 198 0.64 -33.37 -5.57
N PRO B 199 1.00 -34.66 -5.62
CA PRO B 199 0.05 -35.74 -5.92
C PRO B 199 -1.20 -35.75 -5.04
N VAL B 200 -1.06 -35.35 -3.79
CA VAL B 200 -2.19 -35.35 -2.87
C VAL B 200 -3.32 -34.44 -3.39
N LEU B 201 -2.98 -33.37 -4.10
CA LEU B 201 -4.00 -32.45 -4.61
C LEU B 201 -4.82 -33.08 -5.75
N LEU B 202 -4.26 -34.11 -6.37
CA LEU B 202 -4.92 -34.81 -7.47
C LEU B 202 -5.70 -36.01 -6.99
N SER B 203 -5.56 -36.33 -5.70
CA SER B 203 -6.01 -37.62 -5.17
C SER B 203 -7.51 -37.66 -4.87
N GLY B 204 -8.12 -36.50 -4.75
CA GLY B 204 -9.54 -36.42 -4.44
C GLY B 204 -9.90 -36.76 -3.00
N ASP B 205 -8.88 -36.90 -2.14
CA ASP B 205 -9.11 -37.20 -0.72
C ASP B 205 -9.17 -35.91 0.10
N HIS B 206 -10.38 -35.46 0.39
CA HIS B 206 -10.61 -34.18 1.07
C HIS B 206 -9.90 -34.08 2.41
N ALA B 207 -9.90 -35.17 3.17
CA ALA B 207 -9.24 -35.20 4.46
C ALA B 207 -7.72 -35.01 4.30
N LYS B 208 -7.13 -35.71 3.34
CA LYS B 208 -5.70 -35.66 3.14
C LYS B 208 -5.25 -34.34 2.52
N ILE B 209 -6.06 -33.80 1.61
CA ILE B 209 -5.80 -32.48 1.04
C ILE B 209 -5.85 -31.39 2.10
N ALA B 210 -6.88 -31.46 2.95
CA ALA B 210 -7.03 -30.51 4.06
C ALA B 210 -5.80 -30.51 4.96
N ALA B 211 -5.28 -31.70 5.26
CA ALA B 211 -4.14 -31.85 6.14
C ALA B 211 -2.85 -31.34 5.52
N TRP B 212 -2.65 -31.64 4.24
CA TRP B 212 -1.46 -31.19 3.54
C TRP B 212 -1.41 -29.67 3.45
N ARG B 213 -2.56 -29.07 3.14
CA ARG B 213 -2.69 -27.62 3.09
C ARG B 213 -2.45 -26.94 4.44
N ALA B 214 -2.94 -27.57 5.51
CA ALA B 214 -2.72 -27.06 6.85
C ALA B 214 -1.23 -27.08 7.16
N GLU B 215 -0.57 -28.18 6.81
CA GLU B 215 0.86 -28.32 7.03
C GLU B 215 1.65 -27.31 6.21
N GLN B 216 1.29 -27.17 4.92
CA GLN B 216 1.95 -26.19 4.06
C GLN B 216 1.85 -24.78 4.64
N SER B 217 0.67 -24.45 5.13
CA SER B 217 0.42 -23.14 5.74
CA SER B 217 0.45 -23.14 5.72
C SER B 217 1.34 -22.94 6.94
N ARG B 218 1.52 -24.01 7.74
CA ARG B 218 2.39 -23.98 8.92
C ARG B 218 3.85 -23.71 8.56
N GLN B 219 4.36 -24.45 7.58
CA GLN B 219 5.76 -24.30 7.16
C GLN B 219 6.01 -22.91 6.63
N ARG B 220 5.09 -22.43 5.80
CA ARG B 220 5.24 -21.11 5.18
C ARG B 220 5.19 -20.01 6.24
N THR B 221 4.31 -20.18 7.23
CA THR B 221 4.15 -19.16 8.26
C THR B 221 5.42 -19.11 9.12
N ILE B 222 5.91 -20.27 9.53
CA ILE B 222 7.16 -20.36 10.30
C ILE B 222 8.30 -19.68 9.56
N GLU B 223 8.38 -19.95 8.26
CA GLU B 223 9.46 -19.43 7.44
C GLU B 223 9.35 -17.93 7.19
N ARG B 224 8.17 -17.48 6.80
CA ARG B 224 8.01 -16.11 6.32
C ARG B 224 7.49 -15.14 7.37
N ARG B 225 6.66 -15.63 8.29
CA ARG B 225 6.06 -14.75 9.28
C ARG B 225 6.05 -15.40 10.68
N PRO B 226 7.22 -15.72 11.23
CA PRO B 226 7.24 -16.44 12.51
C PRO B 226 6.53 -15.67 13.63
N ASP B 227 6.46 -14.34 13.50
CA ASP B 227 5.75 -13.51 14.47
C ASP B 227 4.28 -13.91 14.63
N LEU B 228 3.65 -14.35 13.54
CA LEU B 228 2.23 -14.77 13.60
C LEU B 228 2.02 -15.95 14.54
N LEU B 229 3.07 -16.72 14.76
CA LEU B 229 2.96 -17.89 15.63
C LEU B 229 3.65 -17.66 16.98
N GLY B 230 4.01 -16.42 17.25
CA GLY B 230 4.59 -16.08 18.54
C GLY B 230 6.08 -16.32 18.65
N PHE B 231 6.79 -16.33 17.51
CA PHE B 231 8.24 -16.50 17.51
C PHE B 231 8.99 -15.23 17.10
N ASP B 232 10.27 -15.15 17.44
CA ASP B 232 11.10 -14.00 17.08
C ASP B 232 11.20 -13.85 15.56
N SER B 233 11.23 -12.60 15.09
CA SER B 233 11.29 -12.30 13.66
C SER B 233 12.67 -12.57 13.06
C10 J9W C . -2.09 -8.54 -0.47
N12 J9W C . -0.97 -7.99 0.01
O01 J9W C . 1.16 -7.35 -0.33
C02 J9W C . 0.14 -7.86 -0.77
O03 J9W C . 0.11 -8.29 -2.06
C04 J9W C . -1.02 -8.91 -2.59
C05 J9W C . -1.04 -9.42 -3.92
C06 J9W C . -2.17 -10.04 -4.43
C07 J9W C . -3.29 -10.14 -3.62
C08 J9W C . -3.29 -9.66 -2.31
C09 J9W C . -2.12 -9.03 -1.80
O11 J9W C . -3.07 -8.66 0.25
C10 J9W D . 3.16 6.48 4.71
N12 J9W D . 2.31 5.56 5.24
O01 J9W D . 0.20 4.94 5.72
C02 J9W D . 0.98 5.80 5.31
O03 J9W D . 0.51 7.02 4.90
C04 J9W D . 1.38 8.07 4.56
C05 J9W D . 0.91 9.40 4.33
C06 J9W D . 1.81 10.41 3.99
C07 J9W D . 3.17 10.13 3.88
C08 J9W D . 3.63 8.83 4.12
C09 J9W D . 2.71 7.79 4.45
O11 J9W D . 4.33 6.18 4.49
S SO4 E . -13.36 7.62 19.32
O1 SO4 E . -14.09 6.44 18.84
O2 SO4 E . -12.53 7.25 20.45
O3 SO4 E . -12.53 8.15 18.24
O4 SO4 E . -14.32 8.64 19.73
#